data_7AW0
#
_entry.id   7AW0
#
_cell.length_a   92.265
_cell.length_b   93.322
_cell.length_c   71.387
_cell.angle_alpha   90.000
_cell.angle_beta   90.000
_cell.angle_gamma   90.000
#
_symmetry.space_group_name_H-M   'C 2 2 21'
#
loop_
_entity.id
_entity.type
_entity.pdbx_description
1 polymer 'Tyrosine-protein kinase Mer'
2 non-polymer 2-(cyclopentyloxy)-9-(2,6-difluorobenzyl)-N-methyl-9H-purin-6-amine
3 water water
#
_entity_poly.entity_id   1
_entity_poly.type   'polypeptide(L)'
_entity_poly.pdbx_seq_one_letter_code
;GSHMEELQNKLEDVVIDRNLLILGRILGEGEFGSVMEGNLKQEDGTSLKVAVKTMKLDNSSQREIEEFLSEAACMKDFSH
PNVIRLLGVCIEMSSQGIPKPMVILPFMKYGDLHTYLLYSRLETGPRHIPLQTLLRFMVDIALGMEYLSNRNFLHRDLAA
RNCMLRDDMTVCVADFGLSKKIYSGDYYRQGRIAKMPVKWIAIESLADRVYTSKSDVWAFGVTMWEIATRGMTPYPGVQN
HEMYDYLLHGHRLKQPEDCLDELYEIMYSCWRTDPLDRPTFSVLRLQLERLLESLPDV
;
_entity_poly.pdbx_strand_id   A
#
# COMPACT_ATOMS: atom_id res chain seq x y z
N SER A 2 -2.31 -13.51 -27.88
CA SER A 2 -3.56 -13.75 -27.14
C SER A 2 -3.40 -13.47 -25.64
N HIS A 3 -4.54 -13.46 -24.88
CA HIS A 3 -4.58 -13.25 -23.42
C HIS A 3 -3.67 -14.25 -22.73
N MET A 4 -3.71 -15.52 -23.21
CA MET A 4 -2.89 -16.62 -22.74
C MET A 4 -1.40 -16.35 -23.02
N GLU A 5 -1.08 -15.97 -24.28
CA GLU A 5 0.28 -15.66 -24.75
C GLU A 5 0.89 -14.52 -23.92
N GLU A 6 0.05 -13.55 -23.51
CA GLU A 6 0.39 -12.39 -22.68
C GLU A 6 0.66 -12.84 -21.21
N LEU A 7 -0.07 -13.85 -20.71
CA LEU A 7 0.17 -14.37 -19.35
C LEU A 7 1.47 -15.19 -19.33
N GLN A 8 1.72 -16.00 -20.39
CA GLN A 8 2.92 -16.85 -20.51
C GLN A 8 4.21 -16.02 -20.48
N ASN A 9 4.23 -14.86 -21.17
CA ASN A 9 5.39 -13.97 -21.27
C ASN A 9 5.71 -13.42 -19.89
N LYS A 10 4.68 -12.83 -19.23
CA LYS A 10 4.68 -12.28 -17.88
C LYS A 10 5.22 -13.29 -16.88
N LEU A 11 4.94 -14.60 -17.05
CA LEU A 11 5.42 -15.67 -16.17
C LEU A 11 6.93 -15.92 -16.31
N GLU A 12 7.43 -15.89 -17.56
CA GLU A 12 8.85 -16.09 -17.85
C GLU A 12 9.70 -14.97 -17.26
N ASP A 13 9.19 -13.72 -17.36
CA ASP A 13 9.83 -12.51 -16.84
C ASP A 13 9.81 -12.39 -15.31
N VAL A 14 8.86 -13.03 -14.63
CA VAL A 14 8.73 -12.86 -13.19
C VAL A 14 9.71 -13.71 -12.37
N VAL A 15 10.14 -14.87 -12.90
CA VAL A 15 11.01 -15.79 -12.17
C VAL A 15 12.48 -15.32 -12.16
N ILE A 16 13.11 -15.41 -10.98
CA ILE A 16 14.51 -15.04 -10.74
C ILE A 16 15.28 -16.31 -10.34
N ASP A 17 16.46 -16.55 -10.98
CA ASP A 17 17.35 -17.66 -10.62
C ASP A 17 17.81 -17.40 -9.17
N ARG A 18 17.62 -18.41 -8.29
CA ARG A 18 17.98 -18.38 -6.86
C ARG A 18 19.46 -18.01 -6.62
N ASN A 19 20.34 -18.46 -7.50
CA ASN A 19 21.77 -18.18 -7.44
C ASN A 19 22.10 -16.68 -7.67
N LEU A 20 21.15 -15.89 -8.27
CA LEU A 20 21.35 -14.45 -8.49
C LEU A 20 20.98 -13.65 -7.23
N LEU A 21 20.55 -14.37 -6.20
CA LEU A 21 20.07 -13.83 -4.94
C LEU A 21 20.87 -14.34 -3.73
N ILE A 22 21.22 -13.40 -2.85
CA ILE A 22 21.95 -13.60 -1.62
C ILE A 22 21.07 -13.00 -0.53
N LEU A 23 20.79 -13.80 0.51
CA LEU A 23 19.96 -13.35 1.62
C LEU A 23 20.77 -12.82 2.76
N GLY A 24 20.22 -11.84 3.47
CA GLY A 24 20.88 -11.17 4.59
C GLY A 24 20.15 -11.37 5.90
N ARG A 25 20.13 -10.32 6.71
CA ARG A 25 19.47 -10.35 8.03
C ARG A 25 17.95 -10.22 7.93
N ILE A 26 17.24 -10.78 8.92
CA ILE A 26 15.79 -10.68 9.09
C ILE A 26 15.50 -9.20 9.45
N LEU A 27 14.66 -8.54 8.65
CA LEU A 27 14.18 -7.18 8.82
C LEU A 27 12.95 -7.20 9.75
N GLY A 28 12.24 -8.33 9.74
CA GLY A 28 11.05 -8.54 10.55
C GLY A 28 10.24 -9.75 10.19
N GLU A 29 9.10 -9.88 10.85
CA GLU A 29 8.14 -10.96 10.65
C GLU A 29 6.81 -10.35 10.22
N GLY A 30 6.47 -10.52 8.94
CA GLY A 30 5.24 -10.04 8.33
C GLY A 30 4.05 -10.95 8.62
N GLU A 31 3.11 -11.03 7.67
CA GLU A 31 1.92 -11.86 7.83
C GLU A 31 2.26 -13.34 7.56
N PHE A 32 2.66 -13.66 6.32
CA PHE A 32 2.99 -15.01 5.87
C PHE A 32 4.28 -15.54 6.51
N GLY A 33 5.25 -14.66 6.75
CA GLY A 33 6.52 -15.03 7.35
C GLY A 33 7.53 -13.90 7.36
N SER A 34 8.80 -14.26 7.27
CA SER A 34 9.92 -13.34 7.33
C SER A 34 10.13 -12.45 6.12
N VAL A 35 10.68 -11.26 6.39
CA VAL A 35 11.15 -10.29 5.41
C VAL A 35 12.64 -10.11 5.73
N MET A 36 13.51 -10.41 4.75
CA MET A 36 14.95 -10.33 4.92
C MET A 36 15.62 -9.35 3.96
N GLU A 37 16.82 -8.86 4.35
CA GLU A 37 17.63 -8.03 3.47
C GLU A 37 18.12 -8.97 2.39
N GLY A 38 18.43 -8.44 1.23
CA GLY A 38 18.94 -9.26 0.15
C GLY A 38 19.79 -8.47 -0.80
N ASN A 39 20.56 -9.20 -1.65
CA ASN A 39 21.37 -8.68 -2.74
C ASN A 39 20.89 -9.36 -4.00
N LEU A 40 20.66 -8.60 -5.07
CA LEU A 40 20.22 -9.17 -6.32
C LEU A 40 21.23 -8.87 -7.39
N LYS A 41 21.77 -9.91 -8.02
CA LYS A 41 22.75 -9.74 -9.10
C LYS A 41 22.00 -9.30 -10.34
N GLN A 42 22.36 -8.14 -10.88
CA GLN A 42 21.68 -7.63 -12.06
C GLN A 42 22.36 -8.04 -13.38
N GLU A 43 21.66 -7.80 -14.51
CA GLU A 43 22.14 -8.14 -15.86
C GLU A 43 23.41 -7.38 -16.27
N ASP A 44 23.74 -6.25 -15.59
CA ASP A 44 24.92 -5.41 -15.84
C ASP A 44 26.16 -5.75 -14.96
N GLY A 45 26.15 -6.90 -14.28
CA GLY A 45 27.24 -7.34 -13.41
C GLY A 45 27.21 -6.85 -11.96
N THR A 46 26.48 -5.74 -11.67
CA THR A 46 26.41 -5.14 -10.33
C THR A 46 25.25 -5.70 -9.48
N SER A 47 25.44 -5.69 -8.14
CA SER A 47 24.43 -6.16 -7.21
C SER A 47 23.56 -5.00 -6.68
N LEU A 48 22.28 -5.30 -6.37
CA LEU A 48 21.33 -4.32 -5.86
C LEU A 48 20.78 -4.76 -4.49
N LYS A 49 20.65 -3.82 -3.54
CA LYS A 49 20.03 -4.14 -2.25
C LYS A 49 18.54 -4.27 -2.45
N VAL A 50 17.98 -5.40 -1.99
CA VAL A 50 16.56 -5.72 -2.11
C VAL A 50 15.99 -6.20 -0.78
N ALA A 51 14.66 -6.30 -0.69
CA ALA A 51 13.97 -6.86 0.47
C ALA A 51 13.33 -8.12 -0.06
N VAL A 52 13.41 -9.20 0.69
CA VAL A 52 12.90 -10.49 0.25
C VAL A 52 11.86 -10.96 1.25
N LYS A 53 10.60 -11.06 0.78
CA LYS A 53 9.48 -11.53 1.57
C LYS A 53 9.33 -13.02 1.32
N THR A 54 9.35 -13.83 2.40
CA THR A 54 9.21 -15.29 2.32
C THR A 54 7.84 -15.73 2.93
N MET A 55 7.04 -16.48 2.15
CA MET A 55 5.71 -16.99 2.50
C MET A 55 5.79 -18.33 3.24
N GLN A 62 0.20 -27.33 -5.64
CA GLN A 62 0.63 -26.84 -6.95
C GLN A 62 -0.20 -25.64 -7.42
N ARG A 63 -1.54 -25.65 -7.14
CA ARG A 63 -2.52 -24.58 -7.47
C ARG A 63 -2.18 -23.27 -6.75
N GLU A 64 -1.88 -23.34 -5.43
CA GLU A 64 -1.53 -22.17 -4.63
C GLU A 64 -0.25 -21.54 -5.17
N ILE A 65 0.75 -22.38 -5.53
CA ILE A 65 2.03 -21.98 -6.13
C ILE A 65 1.80 -21.31 -7.48
N GLU A 66 0.88 -21.89 -8.28
CA GLU A 66 0.49 -21.39 -9.59
C GLU A 66 -0.26 -20.07 -9.49
N GLU A 67 -1.11 -19.91 -8.45
CA GLU A 67 -1.88 -18.67 -8.22
C GLU A 67 -0.91 -17.56 -7.86
N PHE A 68 0.06 -17.87 -6.96
CA PHE A 68 1.12 -16.96 -6.52
C PHE A 68 1.92 -16.48 -7.75
N LEU A 69 2.40 -17.44 -8.59
CA LEU A 69 3.13 -17.17 -9.84
C LEU A 69 2.33 -16.25 -10.78
N SER A 70 1.05 -16.57 -11.00
CA SER A 70 0.17 -15.78 -11.86
C SER A 70 -0.03 -14.35 -11.33
N GLU A 71 -0.28 -14.23 -10.00
CA GLU A 71 -0.48 -12.95 -9.33
C GLU A 71 0.82 -12.12 -9.35
N ALA A 72 1.98 -12.75 -9.09
CA ALA A 72 3.28 -12.09 -9.15
C ALA A 72 3.52 -11.63 -10.59
N ALA A 73 3.26 -12.49 -11.59
CA ALA A 73 3.39 -12.12 -13.02
C ALA A 73 2.62 -10.82 -13.36
N CYS A 74 1.40 -10.62 -12.78
CA CYS A 74 0.57 -9.42 -12.99
C CYS A 74 1.24 -8.18 -12.40
N MET A 75 1.58 -8.25 -11.11
CA MET A 75 2.24 -7.18 -10.37
C MET A 75 3.55 -6.70 -10.96
N LYS A 76 4.39 -7.62 -11.53
CA LYS A 76 5.69 -7.22 -12.11
C LYS A 76 5.46 -6.30 -13.32
N ASP A 77 4.30 -6.46 -13.96
CA ASP A 77 3.86 -5.70 -15.11
C ASP A 77 3.43 -4.27 -14.73
N PHE A 78 3.07 -4.02 -13.44
CA PHE A 78 2.72 -2.66 -12.99
C PHE A 78 3.93 -1.77 -13.16
N SER A 79 3.73 -0.58 -13.70
CA SER A 79 4.82 0.35 -14.00
C SER A 79 4.34 1.80 -13.79
N HIS A 80 4.58 2.30 -12.58
CA HIS A 80 4.18 3.65 -12.17
C HIS A 80 5.07 4.08 -11.01
N PRO A 81 5.52 5.36 -10.95
CA PRO A 81 6.40 5.77 -9.82
C PRO A 81 5.80 5.68 -8.42
N ASN A 82 4.46 5.58 -8.28
CA ASN A 82 3.78 5.53 -6.98
C ASN A 82 3.16 4.17 -6.68
N VAL A 83 3.69 3.16 -7.39
CA VAL A 83 3.32 1.75 -7.20
C VAL A 83 4.64 1.02 -7.00
N ILE A 84 4.78 0.21 -5.92
CA ILE A 84 6.01 -0.58 -5.69
C ILE A 84 6.23 -1.54 -6.85
N ARG A 85 7.47 -1.66 -7.32
CA ARG A 85 7.76 -2.57 -8.42
C ARG A 85 8.14 -3.95 -7.89
N LEU A 86 7.57 -4.99 -8.44
CA LEU A 86 7.91 -6.33 -8.05
C LEU A 86 9.10 -6.73 -8.94
N LEU A 87 10.28 -6.90 -8.34
CA LEU A 87 11.52 -7.23 -9.07
C LEU A 87 11.51 -8.68 -9.57
N GLY A 88 10.84 -9.56 -8.86
CA GLY A 88 10.70 -10.95 -9.30
C GLY A 88 10.37 -11.89 -8.17
N VAL A 89 10.30 -13.19 -8.46
CA VAL A 89 10.00 -14.22 -7.46
C VAL A 89 10.93 -15.45 -7.57
N CYS A 90 11.10 -16.17 -6.45
CA CYS A 90 11.88 -17.42 -6.34
C CYS A 90 11.01 -18.41 -5.62
N ILE A 91 11.07 -19.67 -6.03
CA ILE A 91 10.35 -20.72 -5.32
C ILE A 91 11.36 -21.69 -4.77
N GLU A 92 11.56 -21.66 -3.45
CA GLU A 92 12.44 -22.61 -2.74
C GLU A 92 11.56 -23.78 -2.25
N MET A 93 12.18 -24.84 -1.71
CA MET A 93 11.45 -25.98 -1.16
C MET A 93 11.99 -26.32 0.23
N SER A 94 11.08 -26.50 1.19
CA SER A 94 11.43 -26.85 2.57
C SER A 94 11.91 -28.29 2.65
N SER A 95 12.64 -28.62 3.72
CA SER A 95 13.13 -29.97 4.03
C SER A 95 11.99 -30.99 4.18
N GLN A 96 10.76 -30.47 4.43
CA GLN A 96 9.54 -31.25 4.57
C GLN A 96 8.75 -31.33 3.23
N GLY A 97 9.32 -30.74 2.17
CA GLY A 97 8.73 -30.72 0.83
C GLY A 97 7.56 -29.76 0.70
N ILE A 98 7.64 -28.62 1.41
CA ILE A 98 6.62 -27.57 1.39
C ILE A 98 7.24 -26.35 0.65
N PRO A 99 6.55 -25.82 -0.38
CA PRO A 99 7.15 -24.70 -1.15
C PRO A 99 7.37 -23.42 -0.36
N LYS A 100 8.49 -22.76 -0.64
CA LYS A 100 8.86 -21.51 -0.01
C LYS A 100 8.83 -20.39 -1.08
N PRO A 101 7.65 -19.79 -1.36
CA PRO A 101 7.59 -18.70 -2.34
C PRO A 101 8.22 -17.43 -1.76
N MET A 102 9.18 -16.87 -2.51
CA MET A 102 9.91 -15.67 -2.10
C MET A 102 9.61 -14.55 -3.08
N VAL A 103 9.28 -13.35 -2.58
CA VAL A 103 8.98 -12.21 -3.46
C VAL A 103 10.08 -11.16 -3.29
N ILE A 104 10.63 -10.67 -4.42
CA ILE A 104 11.75 -9.72 -4.40
C ILE A 104 11.25 -8.34 -4.67
N LEU A 105 11.55 -7.43 -3.74
CA LEU A 105 11.10 -6.06 -3.82
C LEU A 105 12.26 -5.10 -3.64
N PRO A 106 12.15 -3.83 -4.08
CA PRO A 106 13.21 -2.85 -3.78
C PRO A 106 13.32 -2.62 -2.28
N PHE A 107 14.52 -2.28 -1.78
CA PHE A 107 14.72 -1.95 -0.38
C PHE A 107 14.49 -0.45 -0.27
N MET A 108 13.66 -0.04 0.70
CA MET A 108 13.29 1.35 0.94
C MET A 108 13.85 1.67 2.30
N LYS A 109 15.02 2.37 2.35
CA LYS A 109 15.71 2.66 3.60
C LYS A 109 14.83 3.43 4.60
N TYR A 110 13.92 4.32 4.11
CA TYR A 110 13.01 5.08 4.97
C TYR A 110 11.85 4.26 5.51
N GLY A 111 11.64 3.03 5.00
CA GLY A 111 10.60 2.13 5.48
C GLY A 111 9.17 2.57 5.16
N ASP A 112 8.20 2.07 5.92
CA ASP A 112 6.78 2.37 5.69
C ASP A 112 6.42 3.78 6.15
N LEU A 113 5.36 4.32 5.56
CA LEU A 113 4.87 5.65 5.90
C LEU A 113 4.36 5.76 7.38
N HIS A 114 3.64 4.75 7.87
CA HIS A 114 3.10 4.80 9.22
C HIS A 114 4.19 5.05 10.29
N THR A 115 5.25 4.23 10.25
CA THR A 115 6.38 4.33 11.19
C THR A 115 7.06 5.70 11.07
N TYR A 116 7.26 6.16 9.83
CA TYR A 116 7.87 7.44 9.54
C TYR A 116 7.14 8.60 10.23
N LEU A 117 5.79 8.61 10.13
CA LEU A 117 4.92 9.61 10.73
C LEU A 117 5.08 9.60 12.24
N LEU A 118 5.06 8.41 12.85
CA LEU A 118 5.20 8.24 14.30
C LEU A 118 6.56 8.74 14.76
N TYR A 119 7.64 8.32 14.04
CA TYR A 119 9.03 8.73 14.27
C TYR A 119 9.15 10.25 14.22
N SER A 120 8.44 10.90 13.30
CA SER A 120 8.48 12.36 13.18
C SER A 120 8.03 13.08 14.45
N ARG A 121 7.43 12.35 15.41
CA ARG A 121 6.93 12.98 16.63
C ARG A 121 7.89 12.77 17.79
N LEU A 122 9.04 12.15 17.52
CA LEU A 122 10.13 11.85 18.44
C LEU A 122 11.34 12.67 18.03
N GLU A 123 12.15 13.14 19.02
CA GLU A 123 13.33 14.00 18.84
C GLU A 123 14.38 13.52 17.82
N THR A 124 14.76 12.21 17.84
CA THR A 124 15.77 11.66 16.91
C THR A 124 15.20 11.36 15.53
N GLY A 125 13.94 10.90 15.49
CA GLY A 125 13.23 10.60 14.26
C GLY A 125 13.14 11.82 13.34
N PRO A 126 12.79 11.62 12.03
CA PRO A 126 12.66 12.76 11.10
C PRO A 126 11.99 13.98 11.72
N ARG A 127 12.41 15.19 11.35
CA ARG A 127 11.81 16.42 11.91
C ARG A 127 10.30 16.52 11.67
N HIS A 128 9.63 17.50 12.33
CA HIS A 128 8.19 17.76 12.17
C HIS A 128 7.85 17.79 10.68
N ILE A 129 6.79 17.09 10.27
CA ILE A 129 6.43 17.07 8.86
C ILE A 129 5.49 18.23 8.54
N PRO A 130 5.88 19.20 7.71
CA PRO A 130 4.94 20.29 7.39
C PRO A 130 3.71 19.80 6.61
N LEU A 131 2.59 20.55 6.70
CA LEU A 131 1.34 20.24 6.00
C LEU A 131 1.55 19.90 4.52
N GLN A 132 2.33 20.74 3.79
CA GLN A 132 2.65 20.56 2.36
C GLN A 132 3.20 19.18 2.07
N THR A 133 4.08 18.65 2.94
CA THR A 133 4.69 17.33 2.80
C THR A 133 3.66 16.22 3.04
N LEU A 134 2.78 16.41 4.02
CA LEU A 134 1.72 15.45 4.34
C LEU A 134 0.72 15.35 3.16
N LEU A 135 0.40 16.48 2.51
CA LEU A 135 -0.49 16.53 1.36
C LEU A 135 0.17 15.87 0.17
N ARG A 136 1.49 16.07 0.02
CA ARG A 136 2.30 15.46 -1.03
C ARG A 136 2.24 13.93 -0.93
N PHE A 137 2.28 13.39 0.29
CA PHE A 137 2.18 11.96 0.58
C PHE A 137 0.83 11.42 0.07
N MET A 138 -0.28 12.16 0.35
CA MET A 138 -1.65 11.80 -0.05
C MET A 138 -1.77 11.82 -1.57
N VAL A 139 -1.17 12.85 -2.24
CA VAL A 139 -1.18 13.01 -3.70
C VAL A 139 -0.46 11.79 -4.34
N ASP A 140 0.68 11.37 -3.76
CA ASP A 140 1.48 10.22 -4.22
C ASP A 140 0.69 8.92 -4.16
N ILE A 141 -0.01 8.68 -3.03
CA ILE A 141 -0.88 7.52 -2.84
C ILE A 141 -2.06 7.53 -3.83
N ALA A 142 -2.72 8.70 -3.99
CA ALA A 142 -3.81 8.87 -4.92
C ALA A 142 -3.34 8.58 -6.34
N LEU A 143 -2.12 9.02 -6.71
CA LEU A 143 -1.57 8.75 -8.05
C LEU A 143 -1.38 7.23 -8.28
N GLY A 144 -0.81 6.52 -7.31
CA GLY A 144 -0.60 5.09 -7.36
C GLY A 144 -1.91 4.32 -7.40
N MET A 145 -2.89 4.76 -6.61
CA MET A 145 -4.21 4.14 -6.60
C MET A 145 -4.99 4.41 -7.87
N GLU A 146 -4.83 5.61 -8.45
CA GLU A 146 -5.46 6.01 -9.72
C GLU A 146 -4.96 5.07 -10.82
N TYR A 147 -3.63 4.75 -10.82
CA TYR A 147 -2.99 3.84 -11.77
C TYR A 147 -3.57 2.43 -11.66
N LEU A 148 -3.67 1.88 -10.43
CA LEU A 148 -4.22 0.55 -10.15
C LEU A 148 -5.68 0.47 -10.57
N SER A 149 -6.49 1.46 -10.17
CA SER A 149 -7.90 1.56 -10.48
C SER A 149 -8.18 1.54 -11.99
N ASN A 150 -7.36 2.24 -12.79
CA ASN A 150 -7.51 2.27 -14.25
C ASN A 150 -7.29 0.88 -14.85
N ARG A 151 -6.34 0.11 -14.27
CA ARG A 151 -5.97 -1.26 -14.63
C ARG A 151 -6.95 -2.26 -14.00
N ASN A 152 -7.98 -1.76 -13.29
CA ASN A 152 -9.06 -2.52 -12.64
C ASN A 152 -8.54 -3.52 -11.56
N PHE A 153 -7.36 -3.22 -11.00
CA PHE A 153 -6.72 -4.02 -9.95
C PHE A 153 -7.06 -3.43 -8.58
N LEU A 154 -7.69 -4.26 -7.72
CA LEU A 154 -8.08 -3.87 -6.38
C LEU A 154 -6.92 -4.12 -5.41
N HIS A 155 -6.62 -3.14 -4.53
CA HIS A 155 -5.57 -3.24 -3.52
C HIS A 155 -6.03 -4.19 -2.37
N ARG A 156 -7.18 -3.88 -1.75
CA ARG A 156 -7.86 -4.62 -0.67
C ARG A 156 -7.23 -4.43 0.73
N ASP A 157 -6.01 -3.88 0.84
CA ASP A 157 -5.37 -3.64 2.14
C ASP A 157 -4.60 -2.28 2.20
N LEU A 158 -5.22 -1.20 1.69
CA LEU A 158 -4.60 0.12 1.69
C LEU A 158 -4.68 0.72 3.09
N ALA A 159 -3.52 1.15 3.61
CA ALA A 159 -3.29 1.76 4.93
C ALA A 159 -1.93 2.44 4.90
N ALA A 160 -1.65 3.35 5.86
CA ALA A 160 -0.33 4.01 5.93
C ALA A 160 0.84 3.02 6.10
N ARG A 161 0.60 1.87 6.78
CA ARG A 161 1.60 0.80 7.02
C ARG A 161 2.04 0.08 5.74
N ASN A 162 1.19 0.11 4.68
CA ASN A 162 1.43 -0.53 3.37
C ASN A 162 1.90 0.46 2.29
N CYS A 163 2.22 1.71 2.65
CA CYS A 163 2.73 2.70 1.71
C CYS A 163 4.21 2.89 2.03
N MET A 164 5.07 2.87 1.01
CA MET A 164 6.51 2.91 1.33
C MET A 164 7.13 4.22 0.96
N LEU A 165 8.17 4.65 1.68
CA LEU A 165 8.87 5.89 1.30
C LEU A 165 10.15 5.58 0.57
N ARG A 166 10.28 6.17 -0.61
CA ARG A 166 11.49 6.04 -1.44
C ARG A 166 12.52 7.04 -0.92
N ASP A 167 13.80 6.91 -1.40
CA ASP A 167 14.94 7.77 -1.02
C ASP A 167 14.71 9.25 -1.34
N ASP A 168 13.95 9.55 -2.41
CA ASP A 168 13.62 10.92 -2.81
C ASP A 168 12.32 11.43 -2.16
N MET A 169 11.84 10.72 -1.12
CA MET A 169 10.64 10.98 -0.31
C MET A 169 9.29 10.78 -1.09
N THR A 170 9.32 10.07 -2.23
CA THR A 170 8.13 9.70 -3.02
C THR A 170 7.48 8.54 -2.24
N VAL A 171 6.15 8.54 -2.17
CA VAL A 171 5.42 7.44 -1.53
C VAL A 171 4.92 6.52 -2.65
N CYS A 172 5.00 5.21 -2.43
CA CYS A 172 4.44 4.26 -3.37
C CYS A 172 3.56 3.29 -2.63
N VAL A 173 2.47 2.85 -3.25
CA VAL A 173 1.56 1.88 -2.65
C VAL A 173 2.21 0.48 -2.77
N ALA A 174 2.03 -0.36 -1.76
CA ALA A 174 2.62 -1.69 -1.70
C ALA A 174 1.67 -2.63 -1.00
N ASP A 175 2.02 -3.95 -0.94
CA ASP A 175 1.26 -5.01 -0.27
C ASP A 175 -0.20 -5.19 -0.78
N PHE A 176 -0.38 -5.20 -2.10
CA PHE A 176 -1.68 -5.38 -2.76
C PHE A 176 -1.76 -6.77 -3.40
N PRO A 197 -8.25 -6.02 9.52
CA PRO A 197 -8.03 -4.62 9.90
C PRO A 197 -9.30 -3.83 9.62
N VAL A 198 -10.32 -4.13 10.44
CA VAL A 198 -11.70 -3.62 10.42
C VAL A 198 -11.80 -2.11 10.23
N LYS A 199 -10.90 -1.32 10.87
CA LYS A 199 -10.93 0.14 10.86
C LYS A 199 -10.61 0.78 9.50
N TRP A 200 -10.21 -0.02 8.50
CA TRP A 200 -9.95 0.47 7.15
C TRP A 200 -11.02 0.03 6.15
N ILE A 201 -11.85 -0.95 6.54
CA ILE A 201 -12.87 -1.60 5.71
C ILE A 201 -14.17 -0.80 5.61
N ALA A 202 -14.61 -0.57 4.34
CA ALA A 202 -15.83 0.15 3.99
C ALA A 202 -17.08 -0.53 4.54
N ILE A 203 -18.08 0.28 4.91
CA ILE A 203 -19.37 -0.14 5.49
C ILE A 203 -20.06 -1.31 4.71
N GLU A 204 -20.04 -1.29 3.37
CA GLU A 204 -20.66 -2.33 2.54
C GLU A 204 -19.84 -3.63 2.51
N SER A 205 -18.51 -3.53 2.66
CA SER A 205 -17.61 -4.68 2.67
C SER A 205 -17.63 -5.42 4.02
N LEU A 206 -18.19 -4.78 5.07
CA LEU A 206 -18.34 -5.36 6.41
C LEU A 206 -19.70 -6.05 6.53
N ALA A 207 -20.69 -5.59 5.73
CA ALA A 207 -22.05 -6.09 5.73
C ALA A 207 -22.29 -7.27 4.79
N ASP A 208 -21.92 -7.13 3.49
CA ASP A 208 -22.14 -8.16 2.47
C ASP A 208 -20.86 -8.69 1.80
N ARG A 209 -19.68 -8.45 2.40
CA ARG A 209 -18.35 -8.91 1.95
C ARG A 209 -17.96 -8.50 0.49
N VAL A 210 -18.81 -7.70 -0.20
CA VAL A 210 -18.61 -7.17 -1.57
C VAL A 210 -17.50 -6.08 -1.54
N TYR A 211 -16.48 -6.23 -2.41
CA TYR A 211 -15.35 -5.29 -2.49
C TYR A 211 -15.14 -4.69 -3.89
N THR A 212 -15.24 -3.35 -4.03
CA THR A 212 -15.00 -2.62 -5.29
C THR A 212 -13.86 -1.60 -5.14
N SER A 213 -13.64 -0.80 -6.19
CA SER A 213 -12.66 0.29 -6.27
C SER A 213 -13.05 1.39 -5.30
N LYS A 214 -14.35 1.55 -5.04
CA LYS A 214 -14.95 2.50 -4.11
C LYS A 214 -14.68 2.08 -2.64
N SER A 215 -14.49 0.77 -2.42
CA SER A 215 -14.08 0.21 -1.12
C SER A 215 -12.59 0.63 -0.88
N ASP A 216 -11.76 0.64 -1.96
CA ASP A 216 -10.36 1.10 -1.90
C ASP A 216 -10.34 2.61 -1.62
N VAL A 217 -11.34 3.37 -2.14
CA VAL A 217 -11.50 4.81 -1.91
C VAL A 217 -11.76 5.06 -0.42
N TRP A 218 -12.62 4.23 0.21
CA TRP A 218 -12.91 4.34 1.64
C TRP A 218 -11.61 4.16 2.42
N ALA A 219 -10.87 3.06 2.14
CA ALA A 219 -9.55 2.74 2.73
C ALA A 219 -8.56 3.91 2.54
N PHE A 220 -8.65 4.61 1.40
CA PHE A 220 -7.81 5.77 1.09
C PHE A 220 -8.13 6.97 2.01
N GLY A 221 -9.42 7.23 2.22
CA GLY A 221 -9.89 8.28 3.11
C GLY A 221 -9.30 8.09 4.50
N VAL A 222 -9.37 6.83 5.01
CA VAL A 222 -8.82 6.37 6.31
C VAL A 222 -7.28 6.60 6.33
N THR A 223 -6.59 6.21 5.26
CA THR A 223 -5.15 6.42 5.08
C THR A 223 -4.83 7.93 5.15
N MET A 224 -5.58 8.80 4.42
CA MET A 224 -5.40 10.26 4.50
C MET A 224 -5.47 10.76 5.95
N TRP A 225 -6.46 10.24 6.75
CA TRP A 225 -6.67 10.59 8.15
C TRP A 225 -5.46 10.11 9.01
N GLU A 226 -4.88 8.92 8.71
CA GLU A 226 -3.66 8.44 9.40
C GLU A 226 -2.53 9.44 9.17
N ILE A 227 -2.41 9.96 7.93
CA ILE A 227 -1.37 10.94 7.58
C ILE A 227 -1.62 12.28 8.31
N ALA A 228 -2.84 12.82 8.20
CA ALA A 228 -3.24 14.05 8.86
C ALA A 228 -3.07 14.03 10.41
N THR A 229 -3.30 12.87 11.08
CA THR A 229 -3.12 12.71 12.56
C THR A 229 -1.68 12.34 12.91
N ARG A 230 -0.83 12.13 11.88
CA ARG A 230 0.57 11.74 12.04
C ARG A 230 0.72 10.38 12.75
N GLY A 231 -0.08 9.41 12.29
CA GLY A 231 0.05 8.03 12.75
C GLY A 231 -0.95 7.50 13.75
N MET A 232 -1.94 8.29 14.15
CA MET A 232 -2.98 7.84 15.09
C MET A 232 -3.77 6.64 14.52
N THR A 233 -4.16 5.74 15.42
CA THR A 233 -4.99 4.59 15.09
C THR A 233 -6.40 5.11 14.83
N PRO A 234 -7.05 4.73 13.70
CA PRO A 234 -8.42 5.22 13.45
C PRO A 234 -9.41 4.87 14.56
N TYR A 235 -10.37 5.75 14.76
CA TYR A 235 -11.47 5.68 15.71
C TYR A 235 -11.01 5.44 17.16
N PRO A 236 -10.25 6.41 17.75
CA PRO A 236 -9.88 6.26 19.18
C PRO A 236 -11.16 6.17 20.02
N GLY A 237 -11.18 5.27 21.01
CA GLY A 237 -12.34 5.10 21.86
C GLY A 237 -13.42 4.21 21.28
N VAL A 238 -13.21 3.69 20.06
CA VAL A 238 -14.19 2.78 19.43
C VAL A 238 -13.53 1.41 19.27
N GLN A 239 -14.16 0.37 19.81
CA GLN A 239 -13.60 -0.99 19.73
C GLN A 239 -13.91 -1.62 18.38
N ASN A 240 -13.04 -2.54 17.93
CA ASN A 240 -13.16 -3.22 16.65
C ASN A 240 -14.45 -4.00 16.45
N HIS A 241 -15.00 -4.60 17.52
CA HIS A 241 -16.25 -5.36 17.44
C HIS A 241 -17.48 -4.45 17.23
N GLU A 242 -17.39 -3.19 17.72
CA GLU A 242 -18.48 -2.20 17.61
C GLU A 242 -18.30 -1.24 16.40
N MET A 243 -17.39 -1.58 15.46
CA MET A 243 -17.11 -0.77 14.28
C MET A 243 -18.27 -0.68 13.29
N TYR A 244 -18.92 -1.82 13.00
CA TYR A 244 -20.03 -1.85 12.04
C TYR A 244 -21.20 -1.00 12.48
N ASP A 245 -21.61 -1.12 13.76
CA ASP A 245 -22.76 -0.36 14.23
C ASP A 245 -22.45 1.12 14.40
N TYR A 246 -21.17 1.47 14.61
CA TYR A 246 -20.72 2.86 14.72
C TYR A 246 -20.98 3.58 13.39
N LEU A 247 -20.54 2.94 12.28
CA LEU A 247 -20.71 3.43 10.92
C LEU A 247 -22.18 3.35 10.47
N LEU A 248 -22.89 2.25 10.84
CA LEU A 248 -24.31 2.01 10.55
C LEU A 248 -25.17 3.20 11.00
N HIS A 249 -24.73 3.88 12.09
CA HIS A 249 -25.41 5.04 12.68
C HIS A 249 -24.93 6.40 12.11
N GLY A 250 -24.14 6.35 11.02
CA GLY A 250 -23.63 7.52 10.33
C GLY A 250 -22.38 8.18 10.91
N HIS A 251 -21.77 7.60 11.94
CA HIS A 251 -20.55 8.19 12.50
C HIS A 251 -19.36 7.86 11.62
N ARG A 252 -18.45 8.84 11.49
CA ARG A 252 -17.22 8.75 10.72
C ARG A 252 -16.06 9.24 11.57
N LEU A 253 -14.81 9.08 11.04
CA LEU A 253 -13.58 9.55 11.66
C LEU A 253 -13.71 11.04 11.85
N LYS A 254 -13.28 11.53 13.01
CA LYS A 254 -13.41 12.94 13.35
C LYS A 254 -12.35 13.75 12.68
N GLN A 255 -12.63 15.05 12.46
CA GLN A 255 -11.65 15.96 11.87
C GLN A 255 -10.42 16.14 12.76
N PRO A 256 -9.21 15.87 12.23
CA PRO A 256 -8.02 16.09 13.06
C PRO A 256 -7.78 17.59 13.35
N GLU A 257 -7.09 17.87 14.47
CA GLU A 257 -6.78 19.24 14.89
C GLU A 257 -5.79 19.82 13.88
N ASP A 258 -6.04 21.06 13.46
CA ASP A 258 -5.23 21.79 12.46
C ASP A 258 -5.25 21.12 11.06
N CYS A 259 -6.36 20.39 10.75
CA CYS A 259 -6.60 19.80 9.41
C CYS A 259 -7.48 20.82 8.74
N LEU A 260 -7.09 21.26 7.54
CA LEU A 260 -7.89 22.22 6.76
C LEU A 260 -9.22 21.57 6.50
N ASP A 261 -10.30 22.38 6.55
CA ASP A 261 -11.66 21.96 6.28
C ASP A 261 -11.76 21.33 4.90
N GLU A 262 -11.04 21.91 3.90
CA GLU A 262 -11.02 21.45 2.51
C GLU A 262 -10.46 20.00 2.43
N LEU A 263 -9.39 19.73 3.19
CA LEU A 263 -8.80 18.39 3.29
C LEU A 263 -9.79 17.42 4.00
N TYR A 264 -10.45 17.91 5.05
CA TYR A 264 -11.42 17.09 5.75
C TYR A 264 -12.62 16.72 4.89
N GLU A 265 -13.09 17.66 4.05
CA GLU A 265 -14.20 17.43 3.09
C GLU A 265 -13.79 16.32 2.11
N ILE A 266 -12.55 16.39 1.58
CA ILE A 266 -12.00 15.40 0.65
C ILE A 266 -11.99 14.01 1.33
N MET A 267 -11.43 13.88 2.56
CA MET A 267 -11.40 12.57 3.20
C MET A 267 -12.81 12.07 3.57
N TYR A 268 -13.71 13.00 3.99
CA TYR A 268 -15.11 12.67 4.32
C TYR A 268 -15.86 12.09 3.14
N SER A 269 -15.67 12.66 1.92
CA SER A 269 -16.29 12.18 0.68
C SER A 269 -15.94 10.70 0.39
N CYS A 270 -14.78 10.22 0.91
CA CYS A 270 -14.36 8.82 0.72
C CYS A 270 -15.27 7.87 1.53
N TRP A 271 -15.93 8.38 2.61
CA TRP A 271 -16.78 7.59 3.49
C TRP A 271 -18.32 7.82 3.29
N ARG A 272 -18.75 8.24 2.10
CA ARG A 272 -20.19 8.40 1.82
C ARG A 272 -20.81 6.99 1.84
N THR A 273 -21.93 6.84 2.56
CA THR A 273 -22.63 5.56 2.77
C THR A 273 -22.78 4.71 1.50
N ASP A 274 -23.19 5.36 0.40
CA ASP A 274 -23.41 4.76 -0.90
C ASP A 274 -22.10 4.86 -1.68
N PRO A 275 -21.49 3.70 -2.04
CA PRO A 275 -20.23 3.70 -2.80
C PRO A 275 -20.22 4.50 -4.09
N LEU A 276 -21.40 4.63 -4.76
CA LEU A 276 -21.53 5.34 -6.03
C LEU A 276 -21.36 6.86 -5.89
N ASP A 277 -21.62 7.39 -4.68
CA ASP A 277 -21.48 8.82 -4.39
C ASP A 277 -20.04 9.22 -4.06
N ARG A 278 -19.20 8.22 -3.69
CA ARG A 278 -17.79 8.43 -3.37
C ARG A 278 -17.05 8.81 -4.64
N PRO A 279 -16.11 9.78 -4.58
CA PRO A 279 -15.33 10.12 -5.81
C PRO A 279 -14.40 8.98 -6.25
N THR A 280 -13.99 9.03 -7.52
CA THR A 280 -13.00 8.10 -8.06
C THR A 280 -11.61 8.55 -7.58
N PHE A 281 -10.59 7.69 -7.75
CA PHE A 281 -9.23 8.06 -7.39
C PHE A 281 -8.72 9.24 -8.24
N SER A 282 -9.15 9.31 -9.51
CA SER A 282 -8.82 10.38 -10.45
C SER A 282 -9.33 11.75 -9.95
N VAL A 283 -10.59 11.81 -9.54
CA VAL A 283 -11.21 13.02 -8.98
C VAL A 283 -10.52 13.43 -7.66
N LEU A 284 -10.32 12.48 -6.74
CA LEU A 284 -9.61 12.74 -5.47
C LEU A 284 -8.23 13.31 -5.73
N ARG A 285 -7.46 12.67 -6.64
CA ARG A 285 -6.11 13.09 -6.96
C ARG A 285 -6.09 14.51 -7.43
N LEU A 286 -7.06 14.87 -8.26
CA LEU A 286 -7.15 16.21 -8.78
C LEU A 286 -7.51 17.21 -7.66
N GLN A 287 -8.43 16.86 -6.75
CA GLN A 287 -8.77 17.72 -5.60
C GLN A 287 -7.56 17.96 -4.68
N LEU A 288 -6.78 16.90 -4.44
CA LEU A 288 -5.58 16.95 -3.59
C LEU A 288 -4.46 17.81 -4.19
N GLU A 289 -4.23 17.71 -5.51
CA GLU A 289 -3.22 18.48 -6.23
C GLU A 289 -3.55 19.99 -6.22
N ARG A 290 -4.83 20.34 -6.43
CA ARG A 290 -5.30 21.72 -6.41
C ARG A 290 -5.11 22.33 -5.01
N LEU A 291 -5.52 21.60 -3.95
CA LEU A 291 -5.38 22.03 -2.55
C LEU A 291 -3.90 22.25 -2.22
N LEU A 292 -3.03 21.38 -2.72
CA LEU A 292 -1.58 21.48 -2.48
C LEU A 292 -1.00 22.71 -3.17
N GLU A 293 -1.46 22.97 -4.40
CA GLU A 293 -1.07 24.13 -5.21
C GLU A 293 -1.42 25.45 -4.52
N SER A 294 -2.61 25.51 -3.87
CA SER A 294 -3.10 26.69 -3.13
C SER A 294 -2.26 27.04 -1.88
N LEU A 295 -1.43 26.11 -1.39
CA LEU A 295 -0.62 26.34 -0.19
C LEU A 295 0.61 27.23 -0.42
N PRO A 296 0.79 28.27 0.45
CA PRO A 296 1.96 29.15 0.31
C PRO A 296 3.27 28.48 0.75
#